data_6I62
#
_entry.id   6I62
#
_cell.length_a   64.198
_cell.length_b   64.198
_cell.length_c   136.792
_cell.angle_alpha   90.00
_cell.angle_beta   90.00
_cell.angle_gamma   90.00
#
_symmetry.space_group_name_H-M   'P 41 21 2'
#
loop_
_entity.id
_entity.type
_entity.pdbx_description
1 polymer 'Estrogen-related receptor gamma'
2 non-polymer "4,4'-(2,2,2-trichloroethane-1,1-diyl)diphenol"
3 water water
#
_entity_poly.entity_id   1
_entity_poly.type   'polypeptide(L)'
_entity_poly.pdbx_seq_one_letter_code
;LNPQLVQPAKKPYNKIVSHLLVAEPEKIYAMPDPTVPDSDIKALTTLCDLADRELVVIIGWAKHIPGFSTLSLADQMSLL
QSAWMEILILGVVYRSLSFEDELVYADDYIMDEDQSKLAGLLDLNNAILQLVKKYKSMKLEKEEFVTLKAIALANSDSMH
IEDVEAVQKLQDVLHEALQDYEAGQHMEDPRRAGKMLMTLPLLRQTSTKAVQHFYNIKLEGKVPMHKLFLEMLEAKV
;
_entity_poly.pdbx_strand_id   A
#
loop_
_chem_comp.id
_chem_comp.type
_chem_comp.name
_chem_comp.formula
27N non-polymer 4,4'-(2,2,2-trichloroethane-1,1-diyl)diphenol 'C14 H11 Cl3 O2'
#
# COMPACT_ATOMS: atom_id res chain seq x y z
N TYR A 13 18.29 1.94 15.86
CA TYR A 13 17.82 3.16 15.20
C TYR A 13 16.51 3.67 15.78
N ASN A 14 15.81 4.43 14.95
CA ASN A 14 14.58 5.13 15.32
C ASN A 14 13.53 4.20 15.93
N LYS A 15 12.94 4.63 17.05
CA LYS A 15 11.99 3.77 17.75
CA LYS A 15 11.99 3.77 17.75
C LYS A 15 10.68 3.61 16.97
N ILE A 16 10.22 4.69 16.32
CA ILE A 16 8.99 4.55 15.54
C ILE A 16 9.19 3.52 14.42
N VAL A 17 10.35 3.54 13.77
CA VAL A 17 10.62 2.54 12.74
C VAL A 17 10.62 1.14 13.35
N SER A 18 11.30 0.97 14.48
CA SER A 18 11.32 -0.34 15.11
CA SER A 18 11.32 -0.33 15.14
C SER A 18 9.92 -0.77 15.54
N HIS A 19 9.09 0.19 15.98
CA HIS A 19 7.73 -0.13 16.39
C HIS A 19 6.90 -0.56 15.19
N LEU A 20 7.02 0.16 14.07
CA LEU A 20 6.26 -0.25 12.88
C LEU A 20 6.71 -1.62 12.39
N LEU A 21 7.98 -1.96 12.54
CA LEU A 21 8.44 -3.30 12.14
C LEU A 21 7.75 -4.38 12.95
N VAL A 22 7.64 -4.21 14.27
CA VAL A 22 7.01 -5.28 15.04
C VAL A 22 5.49 -5.29 14.85
N ALA A 23 4.89 -4.19 14.46
CA ALA A 23 3.47 -4.14 14.15
C ALA A 23 3.12 -4.71 12.78
N GLU A 24 4.11 -5.11 11.99
CA GLU A 24 3.86 -5.57 10.63
C GLU A 24 2.98 -6.82 10.66
N PRO A 25 1.89 -6.85 9.89
CA PRO A 25 1.02 -8.03 9.87
C PRO A 25 1.70 -9.25 9.25
N GLU A 26 1.17 -10.41 9.62
CA GLU A 26 1.57 -11.67 9.02
C GLU A 26 1.04 -11.77 7.59
N LYS A 27 1.68 -12.64 6.81
CA LYS A 27 1.29 -12.82 5.42
C LYS A 27 -0.09 -13.45 5.31
N ILE A 28 -0.79 -13.12 4.22
CA ILE A 28 -2.15 -13.58 3.96
CA ILE A 28 -2.13 -13.59 3.97
C ILE A 28 -2.13 -14.35 2.66
N TYR A 29 -2.89 -15.46 2.59
CA TYR A 29 -2.96 -16.27 1.39
C TYR A 29 -4.13 -15.84 0.50
N ALA A 30 -3.95 -15.93 -0.83
CA ALA A 30 -5.04 -15.58 -1.73
C ALA A 30 -6.07 -16.69 -1.86
N MET A 31 -5.62 -17.94 -1.85
CA MET A 31 -6.50 -19.10 -1.98
C MET A 31 -7.45 -19.00 -3.18
N PRO A 32 -6.92 -18.90 -4.40
CA PRO A 32 -7.80 -19.00 -5.56
C PRO A 32 -8.51 -20.34 -5.55
N ASP A 33 -9.78 -20.32 -5.93
CA ASP A 33 -10.65 -21.50 -5.86
C ASP A 33 -10.18 -22.54 -6.88
N PRO A 34 -9.66 -23.70 -6.46
CA PRO A 34 -9.09 -24.65 -7.42
C PRO A 34 -10.15 -25.38 -8.24
N THR A 35 -11.43 -25.20 -7.92
CA THR A 35 -12.49 -25.83 -8.68
C THR A 35 -13.00 -24.94 -9.81
N VAL A 36 -12.60 -23.68 -9.83
CA VAL A 36 -13.11 -22.70 -10.78
C VAL A 36 -12.17 -22.63 -11.98
N PRO A 37 -12.69 -22.66 -13.21
CA PRO A 37 -11.80 -22.51 -14.37
C PRO A 37 -11.13 -21.14 -14.38
N ASP A 38 -9.87 -21.11 -14.80
CA ASP A 38 -9.17 -19.83 -14.94
C ASP A 38 -9.89 -18.95 -15.96
N SER A 39 -10.02 -17.67 -15.61
CA SER A 39 -10.67 -16.67 -16.44
C SER A 39 -10.35 -15.30 -15.86
N ASP A 40 -10.72 -14.27 -16.62
CA ASP A 40 -10.55 -12.91 -16.08
C ASP A 40 -11.43 -12.69 -14.85
N ILE A 41 -12.63 -13.26 -14.85
CA ILE A 41 -13.52 -13.13 -13.69
C ILE A 41 -12.91 -13.80 -12.46
N LYS A 42 -12.31 -14.97 -12.64
CA LYS A 42 -11.68 -15.65 -11.51
C LYS A 42 -10.53 -14.84 -10.92
N ALA A 43 -9.67 -14.31 -11.80
CA ALA A 43 -8.53 -13.53 -11.32
C ALA A 43 -9.00 -12.28 -10.58
N LEU A 44 -9.94 -11.53 -11.15
CA LEU A 44 -10.42 -10.32 -10.50
C LEU A 44 -11.16 -10.63 -9.21
N THR A 45 -11.93 -11.73 -9.19
CA THR A 45 -12.61 -12.12 -7.96
C THR A 45 -11.60 -12.47 -6.86
N THR A 46 -10.56 -13.23 -7.24
CA THR A 46 -9.52 -13.61 -6.28
C THR A 46 -8.83 -12.38 -5.71
N LEU A 47 -8.49 -11.43 -6.57
CA LEU A 47 -7.78 -10.23 -6.13
C LEU A 47 -8.64 -9.36 -5.21
N CYS A 48 -9.91 -9.14 -5.56
CA CYS A 48 -10.77 -8.32 -4.72
C CYS A 48 -11.08 -9.00 -3.39
N ASP A 49 -11.17 -10.33 -3.38
CA ASP A 49 -11.37 -11.06 -2.14
C ASP A 49 -10.15 -10.91 -1.23
N LEU A 50 -8.95 -11.05 -1.81
CA LEU A 50 -7.72 -10.89 -1.03
C LEU A 50 -7.61 -9.47 -0.51
N ALA A 51 -7.94 -8.48 -1.34
CA ALA A 51 -7.87 -7.09 -0.89
C ALA A 51 -8.82 -6.83 0.28
N ASP A 52 -10.02 -7.42 0.23
CA ASP A 52 -10.98 -7.24 1.31
C ASP A 52 -10.42 -7.75 2.64
N ARG A 53 -9.75 -8.91 2.63
CA ARG A 53 -9.16 -9.43 3.86
C ARG A 53 -7.92 -8.64 4.27
N GLU A 54 -7.14 -8.13 3.31
CA GLU A 54 -6.03 -7.25 3.69
C GLU A 54 -6.51 -5.95 4.31
N LEU A 55 -7.66 -5.43 3.87
CA LEU A 55 -8.19 -4.19 4.43
C LEU A 55 -8.51 -4.34 5.90
N VAL A 56 -9.11 -5.47 6.28
CA VAL A 56 -9.33 -5.75 7.70
C VAL A 56 -8.02 -5.65 8.47
N VAL A 57 -6.95 -6.22 7.91
CA VAL A 57 -5.67 -6.26 8.59
C VAL A 57 -5.06 -4.86 8.66
N ILE A 58 -5.25 -4.06 7.62
CA ILE A 58 -4.72 -2.70 7.61
C ILE A 58 -5.39 -1.84 8.68
N ILE A 59 -6.71 -2.00 8.85
CA ILE A 59 -7.40 -1.22 9.87
C ILE A 59 -6.85 -1.53 11.25
N GLY A 60 -6.58 -2.82 11.53
CA GLY A 60 -5.99 -3.17 12.81
C GLY A 60 -4.55 -2.68 12.94
N TRP A 61 -3.80 -2.70 11.84
CA TRP A 61 -2.41 -2.25 11.86
C TRP A 61 -2.31 -0.77 12.19
N ALA A 62 -3.22 0.04 11.65
CA ALA A 62 -3.11 1.48 11.81
C ALA A 62 -3.21 1.89 13.26
N LYS A 63 -3.86 1.09 14.10
CA LYS A 63 -4.01 1.46 15.50
C LYS A 63 -2.68 1.47 16.24
N HIS A 64 -1.64 0.83 15.68
CA HIS A 64 -0.30 0.84 16.25
C HIS A 64 0.50 2.09 15.88
N ILE A 65 0.04 2.89 14.93
CA ILE A 65 0.78 4.07 14.51
C ILE A 65 0.61 5.17 15.56
N PRO A 66 1.71 5.70 16.12
CA PRO A 66 1.60 6.69 17.21
C PRO A 66 0.67 7.85 16.90
N GLY A 67 -0.35 8.03 17.74
CA GLY A 67 -1.30 9.10 17.60
C GLY A 67 -2.50 8.79 16.75
N PHE A 68 -2.49 7.70 15.95
CA PHE A 68 -3.58 7.48 15.02
C PHE A 68 -4.90 7.22 15.75
N SER A 69 -4.88 6.41 16.80
CA SER A 69 -6.11 6.05 17.50
C SER A 69 -6.64 7.18 18.38
N THR A 70 -5.86 8.23 18.59
CA THR A 70 -6.36 9.40 19.30
C THR A 70 -7.13 10.36 18.38
N LEU A 71 -7.01 10.21 17.07
CA LEU A 71 -7.86 10.94 16.15
C LEU A 71 -9.33 10.53 16.34
N SER A 72 -10.23 11.42 15.94
CA SER A 72 -11.65 11.07 15.95
C SER A 72 -11.89 9.87 15.03
N LEU A 73 -12.94 9.11 15.32
CA LEU A 73 -13.25 7.97 14.46
C LEU A 73 -13.48 8.41 13.02
N ALA A 74 -14.07 9.59 12.83
CA ALA A 74 -14.30 10.09 11.48
C ALA A 74 -12.98 10.37 10.77
N ASP A 75 -12.01 10.95 11.48
CA ASP A 75 -10.72 11.25 10.85
C ASP A 75 -9.93 9.97 10.56
N GLN A 76 -9.95 9.01 11.47
CA GLN A 76 -9.35 7.71 11.20
C GLN A 76 -9.93 7.12 9.93
N MET A 77 -11.25 7.16 9.80
CA MET A 77 -11.90 6.58 8.61
C MET A 77 -11.58 7.37 7.36
N SER A 78 -11.51 8.70 7.46
CA SER A 78 -11.20 9.51 6.28
C SER A 78 -9.80 9.21 5.77
N LEU A 79 -8.83 9.08 6.67
CA LEU A 79 -7.47 8.74 6.24
C LEU A 79 -7.45 7.38 5.57
N LEU A 80 -8.10 6.39 6.19
CA LEU A 80 -8.09 5.05 5.63
C LEU A 80 -8.81 5.01 4.28
N GLN A 81 -9.94 5.72 4.16
CA GLN A 81 -10.66 5.71 2.89
C GLN A 81 -9.88 6.40 1.77
N SER A 82 -8.99 7.34 2.10
CA SER A 82 -8.18 7.98 1.08
C SER A 82 -6.93 7.18 0.73
N ALA A 83 -6.37 6.43 1.69
CA ALA A 83 -5.06 5.82 1.51
C ALA A 83 -5.09 4.32 1.20
N TRP A 84 -6.25 3.65 1.32
CA TRP A 84 -6.25 2.19 1.36
C TRP A 84 -5.58 1.58 0.14
N MET A 85 -5.84 2.09 -1.06
CA MET A 85 -5.26 1.50 -2.26
C MET A 85 -3.76 1.70 -2.32
N GLU A 86 -3.28 2.89 -1.90
CA GLU A 86 -1.84 3.11 -1.84
C GLU A 86 -1.17 2.10 -0.91
N ILE A 87 -1.80 1.83 0.24
CA ILE A 87 -1.21 0.90 1.20
C ILE A 87 -1.21 -0.52 0.62
N LEU A 88 -2.31 -0.91 -0.02
CA LEU A 88 -2.35 -2.24 -0.65
C LEU A 88 -1.29 -2.36 -1.74
N ILE A 89 -1.17 -1.33 -2.59
CA ILE A 89 -0.21 -1.41 -3.68
C ILE A 89 1.22 -1.44 -3.14
N LEU A 90 1.54 -0.62 -2.13
CA LEU A 90 2.89 -0.66 -1.58
C LEU A 90 3.23 -2.04 -1.05
N GLY A 91 2.24 -2.75 -0.51
CA GLY A 91 2.46 -4.11 -0.05
C GLY A 91 2.84 -5.05 -1.19
N VAL A 92 2.07 -5.06 -2.28
CA VAL A 92 2.43 -5.92 -3.41
CA VAL A 92 2.43 -5.95 -3.38
C VAL A 92 3.79 -5.55 -3.96
N VAL A 93 4.07 -4.24 -4.05
CA VAL A 93 5.36 -3.80 -4.54
C VAL A 93 6.49 -4.38 -3.68
N TYR A 94 6.37 -4.26 -2.36
CA TYR A 94 7.42 -4.76 -1.48
C TYR A 94 7.59 -6.26 -1.62
N ARG A 95 6.47 -7.00 -1.68
CA ARG A 95 6.56 -8.45 -1.81
C ARG A 95 7.21 -8.87 -3.12
N SER A 96 7.26 -7.98 -4.10
CA SER A 96 7.73 -8.31 -5.45
C SER A 96 9.18 -7.95 -5.69
N LEU A 97 9.88 -7.37 -4.71
CA LEU A 97 11.20 -6.80 -4.96
C LEU A 97 12.22 -7.86 -5.38
N SER A 98 12.10 -9.09 -4.89
CA SER A 98 13.07 -10.12 -5.23
CA SER A 98 13.06 -10.15 -5.21
C SER A 98 12.69 -10.92 -6.48
N PHE A 99 11.68 -10.48 -7.21
CA PHE A 99 11.20 -11.14 -8.42
C PHE A 99 11.48 -10.27 -9.64
N GLU A 100 11.31 -10.85 -10.82
CA GLU A 100 11.55 -10.15 -12.08
C GLU A 100 10.28 -10.19 -12.92
N ASP A 101 9.71 -9.01 -13.16
CA ASP A 101 8.53 -8.83 -14.01
C ASP A 101 7.31 -9.61 -13.54
N GLU A 102 7.24 -9.90 -12.23
CA GLU A 102 6.12 -10.61 -11.62
C GLU A 102 5.66 -9.84 -10.39
N LEU A 103 4.36 -9.89 -10.11
CA LEU A 103 3.78 -9.23 -8.95
C LEU A 103 3.30 -10.29 -7.95
N VAL A 104 3.81 -10.21 -6.73
CA VAL A 104 3.53 -11.21 -5.68
C VAL A 104 2.38 -10.68 -4.83
N TYR A 105 1.15 -10.91 -5.31
CA TYR A 105 -0.01 -10.52 -4.51
C TYR A 105 -0.08 -11.34 -3.23
N ALA A 106 0.34 -12.60 -3.30
CA ALA A 106 0.46 -13.50 -2.16
C ALA A 106 1.44 -14.59 -2.56
N ASP A 107 1.91 -15.35 -1.57
CA ASP A 107 2.81 -16.46 -1.88
C ASP A 107 2.19 -17.43 -2.86
N ASP A 108 0.85 -17.59 -2.81
CA ASP A 108 0.12 -18.48 -3.69
C ASP A 108 -0.59 -17.76 -4.82
N TYR A 109 -0.19 -16.52 -5.12
CA TYR A 109 -0.83 -15.78 -6.23
C TYR A 109 0.18 -14.78 -6.79
N ILE A 110 0.97 -15.24 -7.76
CA ILE A 110 2.02 -14.44 -8.37
C ILE A 110 1.66 -14.27 -9.84
N MET A 111 1.55 -13.01 -10.28
CA MET A 111 1.05 -12.70 -11.63
C MET A 111 2.20 -12.28 -12.54
N ASP A 112 2.37 -13.00 -13.66
CA ASP A 112 3.30 -12.61 -14.70
C ASP A 112 2.56 -11.83 -15.80
N GLU A 113 3.31 -11.42 -16.84
CA GLU A 113 2.75 -10.57 -17.89
C GLU A 113 1.55 -11.23 -18.58
N ASP A 114 1.64 -12.54 -18.87
CA ASP A 114 0.55 -13.24 -19.54
C ASP A 114 -0.73 -13.20 -18.70
N GLN A 115 -0.62 -13.50 -17.39
CA GLN A 115 -1.82 -13.49 -16.56
CA GLN A 115 -1.82 -13.49 -16.56
C GLN A 115 -2.38 -12.09 -16.41
N SER A 116 -1.52 -11.06 -16.42
CA SER A 116 -2.02 -9.69 -16.35
C SER A 116 -2.87 -9.37 -17.58
N LYS A 117 -2.40 -9.77 -18.76
CA LYS A 117 -3.18 -9.55 -19.98
C LYS A 117 -4.52 -10.27 -19.93
N LEU A 118 -4.51 -11.54 -19.51
CA LEU A 118 -5.75 -12.30 -19.41
C LEU A 118 -6.74 -11.63 -18.46
N ALA A 119 -6.26 -10.96 -17.42
CA ALA A 119 -7.13 -10.32 -16.44
C ALA A 119 -7.53 -8.91 -16.83
N GLY A 120 -7.02 -8.38 -17.94
CA GLY A 120 -7.25 -7.00 -18.29
C GLY A 120 -6.45 -6.00 -17.48
N LEU A 121 -5.35 -6.42 -16.87
CA LEU A 121 -4.62 -5.59 -15.92
C LEU A 121 -3.21 -5.24 -16.39
N LEU A 122 -2.91 -5.42 -17.69
CA LEU A 122 -1.54 -5.23 -18.16
C LEU A 122 -1.05 -3.79 -17.91
N ASP A 123 -1.86 -2.80 -18.28
CA ASP A 123 -1.44 -1.40 -18.12
C ASP A 123 -1.28 -1.04 -16.64
N LEU A 124 -2.20 -1.50 -15.80
CA LEU A 124 -2.11 -1.21 -14.38
C LEU A 124 -0.91 -1.91 -13.76
N ASN A 125 -0.71 -3.18 -14.07
CA ASN A 125 0.39 -3.92 -13.46
C ASN A 125 1.75 -3.46 -13.99
N ASN A 126 1.80 -2.92 -15.21
CA ASN A 126 3.07 -2.36 -15.67
C ASN A 126 3.43 -1.09 -14.90
N ALA A 127 2.43 -0.31 -14.49
CA ALA A 127 2.73 0.84 -13.63
C ALA A 127 3.20 0.38 -12.25
N ILE A 128 2.59 -0.66 -11.70
CA ILE A 128 3.08 -1.20 -10.44
C ILE A 128 4.50 -1.73 -10.61
N LEU A 129 4.79 -2.34 -11.77
CA LEU A 129 6.15 -2.82 -11.97
C LEU A 129 7.15 -1.68 -12.13
N GLN A 130 6.70 -0.51 -12.56
CA GLN A 130 7.58 0.65 -12.59
C GLN A 130 7.96 1.07 -11.17
N LEU A 131 7.00 1.00 -10.24
CA LEU A 131 7.29 1.27 -8.84
C LEU A 131 8.29 0.25 -8.28
N VAL A 132 8.09 -1.03 -8.62
CA VAL A 132 9.01 -2.08 -8.17
C VAL A 132 10.41 -1.79 -8.69
N LYS A 133 10.52 -1.44 -9.96
CA LYS A 133 11.84 -1.21 -10.55
C LYS A 133 12.57 -0.08 -9.84
N LYS A 134 11.86 1.01 -9.54
CA LYS A 134 12.49 2.12 -8.84
C LYS A 134 12.95 1.71 -7.45
N TYR A 135 12.10 0.99 -6.71
CA TYR A 135 12.52 0.59 -5.35
C TYR A 135 13.64 -0.42 -5.37
N LYS A 136 13.71 -1.30 -6.39
CA LYS A 136 14.84 -2.22 -6.50
C LYS A 136 16.14 -1.45 -6.68
N SER A 137 16.13 -0.43 -7.54
CA SER A 137 17.34 0.35 -7.76
C SER A 137 17.77 1.08 -6.50
N MET A 138 16.81 1.52 -5.68
CA MET A 138 17.11 2.20 -4.43
CA MET A 138 17.12 2.20 -4.43
C MET A 138 17.41 1.23 -3.29
N LYS A 139 17.28 -0.07 -3.51
CA LYS A 139 17.48 -1.08 -2.45
C LYS A 139 16.59 -0.78 -1.24
N LEU A 140 15.29 -0.61 -1.51
CA LEU A 140 14.31 -0.36 -0.46
C LEU A 140 14.39 -1.43 0.64
N GLU A 141 14.49 -0.98 1.89
CA GLU A 141 14.57 -1.84 3.07
C GLU A 141 13.20 -2.00 3.71
N LYS A 142 13.02 -3.08 4.49
CA LYS A 142 11.74 -3.26 5.16
C LYS A 142 11.44 -2.09 6.09
N GLU A 143 12.47 -1.57 6.76
CA GLU A 143 12.31 -0.42 7.62
C GLU A 143 11.74 0.76 6.86
N GLU A 144 12.17 0.95 5.63
CA GLU A 144 11.70 2.08 4.85
C GLU A 144 10.30 1.82 4.29
N PHE A 145 10.03 0.58 3.91
CA PHE A 145 8.70 0.19 3.46
C PHE A 145 7.64 0.48 4.52
N VAL A 146 7.85 0.01 5.75
CA VAL A 146 6.79 0.17 6.75
C VAL A 146 6.60 1.64 7.09
N THR A 147 7.69 2.43 7.06
CA THR A 147 7.55 3.84 7.35
C THR A 147 6.83 4.56 6.22
N LEU A 148 7.10 4.16 4.97
CA LEU A 148 6.39 4.78 3.85
C LEU A 148 4.91 4.41 3.85
N LYS A 149 4.53 3.18 4.26
CA LYS A 149 3.11 2.85 4.38
C LYS A 149 2.42 3.79 5.36
N ALA A 150 3.06 4.03 6.51
CA ALA A 150 2.47 4.93 7.50
C ALA A 150 2.40 6.36 6.98
N ILE A 151 3.45 6.84 6.29
CA ILE A 151 3.43 8.17 5.71
C ILE A 151 2.32 8.29 4.67
N ALA A 152 2.14 7.25 3.82
CA ALA A 152 1.08 7.30 2.83
C ALA A 152 -0.29 7.43 3.49
N LEU A 153 -0.51 6.74 4.61
CA LEU A 153 -1.76 6.89 5.34
C LEU A 153 -1.95 8.32 5.83
N ALA A 154 -0.93 8.90 6.47
CA ALA A 154 -1.07 10.22 7.07
C ALA A 154 -1.14 11.32 6.00
N ASN A 155 -0.49 11.11 4.86
CA ASN A 155 -0.38 12.11 3.80
C ASN A 155 -1.41 11.90 2.68
N SER A 156 -2.55 11.27 2.97
CA SER A 156 -3.40 10.82 1.88
C SER A 156 -4.34 11.89 1.30
N ASP A 157 -4.36 13.11 1.86
CA ASP A 157 -5.03 14.25 1.22
C ASP A 157 -6.56 14.09 1.17
N SER A 158 -7.13 13.47 2.20
CA SER A 158 -8.58 13.47 2.32
C SER A 158 -9.11 14.90 2.37
N MET A 159 -10.24 15.12 1.71
CA MET A 159 -10.92 16.42 1.74
C MET A 159 -11.82 16.59 2.96
N HIS A 160 -11.87 15.63 3.87
CA HIS A 160 -12.90 15.62 4.91
C HIS A 160 -12.35 15.62 6.33
N ILE A 161 -11.12 16.10 6.53
CA ILE A 161 -10.48 16.04 7.84
C ILE A 161 -11.08 17.07 8.78
N GLU A 162 -11.41 16.64 9.99
CA GLU A 162 -11.91 17.55 11.01
C GLU A 162 -10.76 18.28 11.70
N ASP A 163 -9.76 17.54 12.19
CA ASP A 163 -8.66 18.11 12.96
C ASP A 163 -7.41 18.11 12.06
N VAL A 164 -7.30 19.17 11.25
CA VAL A 164 -6.20 19.28 10.29
C VAL A 164 -4.86 19.35 11.00
N GLU A 165 -4.79 20.09 12.11
CA GLU A 165 -3.52 20.23 12.84
C GLU A 165 -3.06 18.90 13.41
N ALA A 166 -3.99 18.05 13.88
CA ALA A 166 -3.60 16.75 14.41
C ALA A 166 -3.09 15.83 13.32
N VAL A 167 -3.71 15.88 12.14
CA VAL A 167 -3.25 15.07 11.02
C VAL A 167 -1.87 15.56 10.56
N GLN A 168 -1.68 16.88 10.50
CA GLN A 168 -0.36 17.40 10.16
CA GLN A 168 -0.37 17.40 10.16
C GLN A 168 0.68 16.96 11.18
N LYS A 169 0.30 16.89 12.46
CA LYS A 169 1.24 16.40 13.47
C LYS A 169 1.59 14.94 13.23
N LEU A 170 0.61 14.13 12.82
CA LEU A 170 0.89 12.73 12.50
C LEU A 170 1.86 12.62 11.32
N GLN A 171 1.61 13.39 10.27
CA GLN A 171 2.57 13.47 9.15
C GLN A 171 3.95 13.81 9.66
N ASP A 172 4.06 14.79 10.56
CA ASP A 172 5.36 15.24 11.01
CA ASP A 172 5.35 15.26 11.04
C ASP A 172 6.09 14.18 11.83
N VAL A 173 5.37 13.48 12.71
CA VAL A 173 5.98 12.43 13.53
C VAL A 173 6.59 11.34 12.64
N LEU A 174 5.86 10.93 11.60
CA LEU A 174 6.34 9.85 10.73
C LEU A 174 7.43 10.35 9.77
N HIS A 175 7.30 11.57 9.26
CA HIS A 175 8.37 12.15 8.46
C HIS A 175 9.67 12.26 9.27
N GLU A 176 9.58 12.73 10.51
CA GLU A 176 10.76 12.78 11.36
C GLU A 176 11.39 11.41 11.54
N ALA A 177 10.56 10.37 11.71
CA ALA A 177 11.08 9.03 11.85
C ALA A 177 11.87 8.60 10.62
N LEU A 178 11.33 8.87 9.43
CA LEU A 178 12.07 8.58 8.20
C LEU A 178 13.37 9.37 8.13
N GLN A 179 13.31 10.66 8.46
CA GLN A 179 14.50 11.50 8.41
C GLN A 179 15.58 10.98 9.35
N ASP A 180 15.18 10.66 10.59
CA ASP A 180 16.12 10.17 11.59
CA ASP A 180 16.13 10.17 11.59
C ASP A 180 16.69 8.81 11.20
N TYR A 181 15.84 7.91 10.69
CA TYR A 181 16.34 6.63 10.23
C TYR A 181 17.40 6.79 9.16
N GLU A 182 17.13 7.64 8.15
CA GLU A 182 18.08 7.78 7.06
C GLU A 182 19.36 8.48 7.51
N ALA A 183 19.25 9.44 8.43
CA ALA A 183 20.44 10.14 8.92
C ALA A 183 21.39 9.19 9.64
N GLY A 184 20.85 8.18 10.33
CA GLY A 184 21.66 7.25 11.09
C GLY A 184 22.10 6.05 10.29
N GLN A 185 21.25 5.56 9.41
CA GLN A 185 21.53 4.32 8.69
CA GLN A 185 21.52 4.31 8.69
C GLN A 185 22.16 4.54 7.33
N HIS A 186 22.00 5.73 6.72
CA HIS A 186 22.45 5.97 5.36
C HIS A 186 23.21 7.29 5.27
N MET A 187 24.29 7.39 6.05
CA MET A 187 25.13 8.58 6.00
C MET A 187 25.79 8.79 4.65
N GLU A 188 25.92 7.73 3.84
CA GLU A 188 26.53 7.88 2.51
C GLU A 188 25.64 8.67 1.55
N ASP A 189 24.35 8.83 1.85
CA ASP A 189 23.43 9.56 0.97
C ASP A 189 22.60 10.50 1.83
N PRO A 190 23.05 11.73 1.99
CA PRO A 190 22.30 12.70 2.82
C PRO A 190 20.98 13.13 2.19
N ARG A 191 20.63 12.62 1.02
CA ARG A 191 19.35 12.93 0.39
C ARG A 191 18.45 11.71 0.27
N ARG A 192 18.74 10.62 0.98
CA ARG A 192 17.96 9.39 0.77
C ARG A 192 16.53 9.54 1.28
N ALA A 193 16.31 10.22 2.40
CA ALA A 193 14.93 10.41 2.89
C ALA A 193 14.09 11.12 1.84
N GLY A 194 14.62 12.20 1.27
CA GLY A 194 13.90 12.92 0.24
C GLY A 194 13.64 12.07 -1.00
N LYS A 195 14.62 11.26 -1.40
CA LYS A 195 14.40 10.35 -2.52
C LYS A 195 13.24 9.42 -2.23
N MET A 196 13.16 8.92 -0.99
CA MET A 196 12.04 8.07 -0.62
C MET A 196 10.72 8.83 -0.72
N LEU A 197 10.69 10.07 -0.24
CA LEU A 197 9.45 10.84 -0.36
C LEU A 197 9.09 11.09 -1.82
N MET A 198 10.10 11.24 -2.70
CA MET A 198 9.78 11.51 -4.10
CA MET A 198 9.84 11.50 -4.12
C MET A 198 9.29 10.28 -4.86
N THR A 199 9.22 9.12 -4.21
CA THR A 199 8.54 7.96 -4.83
C THR A 199 7.04 7.97 -4.60
N LEU A 200 6.55 8.80 -3.69
CA LEU A 200 5.13 8.81 -3.34
C LEU A 200 4.25 9.30 -4.49
N PRO A 201 4.70 10.24 -5.35
CA PRO A 201 3.82 10.64 -6.47
C PRO A 201 3.45 9.48 -7.38
N LEU A 202 4.41 8.61 -7.74
CA LEU A 202 4.09 7.46 -8.59
C LEU A 202 3.14 6.50 -7.88
N LEU A 203 3.32 6.31 -6.57
CA LEU A 203 2.37 5.51 -5.80
C LEU A 203 0.97 6.08 -5.88
N ARG A 204 0.84 7.41 -5.74
CA ARG A 204 -0.48 8.05 -5.82
C ARG A 204 -1.07 7.91 -7.22
N GLN A 205 -0.23 8.09 -8.25
CA GLN A 205 -0.68 7.97 -9.64
C GLN A 205 -1.24 6.58 -9.90
N THR A 206 -0.51 5.56 -9.48
CA THR A 206 -0.93 4.18 -9.75
C THR A 206 -2.19 3.82 -8.96
N SER A 207 -2.29 4.30 -7.72
CA SER A 207 -3.50 4.06 -6.93
CA SER A 207 -3.50 4.01 -6.96
C SER A 207 -4.71 4.73 -7.55
N THR A 208 -4.52 5.94 -8.07
CA THR A 208 -5.62 6.69 -8.67
C THR A 208 -6.16 5.93 -9.88
N LYS A 209 -5.25 5.36 -10.67
CA LYS A 209 -5.68 4.60 -11.85
C LYS A 209 -6.33 3.28 -11.46
N ALA A 210 -5.81 2.64 -10.40
CA ALA A 210 -6.40 1.37 -9.95
C ALA A 210 -7.81 1.56 -9.41
N VAL A 211 -8.05 2.62 -8.63
CA VAL A 211 -9.39 2.85 -8.10
C VAL A 211 -10.37 3.09 -9.24
N GLN A 212 -9.95 3.88 -10.22
CA GLN A 212 -10.73 4.09 -11.45
C GLN A 212 -11.10 2.77 -12.11
N HIS A 213 -10.09 1.93 -12.36
CA HIS A 213 -10.30 0.67 -13.08
C HIS A 213 -11.27 -0.24 -12.33
N PHE A 214 -11.09 -0.37 -11.01
CA PHE A 214 -11.93 -1.30 -10.27
C PHE A 214 -13.30 -0.72 -9.96
N TYR A 215 -13.44 0.62 -9.97
CA TYR A 215 -14.78 1.18 -9.90
C TYR A 215 -15.56 0.81 -11.17
N ASN A 216 -14.90 0.84 -12.32
CA ASN A 216 -15.55 0.43 -13.56
C ASN A 216 -15.93 -1.05 -13.51
N ILE A 217 -15.08 -1.89 -12.91
CA ILE A 217 -15.41 -3.29 -12.73
C ILE A 217 -16.62 -3.44 -11.82
N LYS A 218 -16.69 -2.61 -10.77
CA LYS A 218 -17.85 -2.64 -9.88
C LYS A 218 -19.13 -2.31 -10.65
N LEU A 219 -19.06 -1.32 -11.55
CA LEU A 219 -20.24 -0.90 -12.30
C LEU A 219 -20.70 -1.98 -13.27
N GLU A 220 -19.76 -2.69 -13.91
CA GLU A 220 -20.13 -3.74 -14.85
C GLU A 220 -20.86 -4.89 -14.16
N GLY A 221 -20.59 -5.11 -12.87
CA GLY A 221 -21.35 -6.04 -12.08
C GLY A 221 -21.06 -7.51 -12.29
N LYS A 222 -19.97 -7.85 -12.97
CA LYS A 222 -19.62 -9.25 -13.23
C LYS A 222 -18.67 -9.85 -12.20
N VAL A 223 -18.09 -9.05 -11.31
CA VAL A 223 -17.14 -9.51 -10.32
C VAL A 223 -17.72 -9.27 -8.94
N PRO A 224 -18.00 -10.31 -8.16
CA PRO A 224 -18.54 -10.08 -6.81
C PRO A 224 -17.50 -9.46 -5.90
N MET A 225 -17.94 -8.54 -5.05
CA MET A 225 -17.07 -7.80 -4.16
C MET A 225 -17.69 -7.76 -2.77
N HIS A 226 -16.85 -7.90 -1.75
CA HIS A 226 -17.33 -7.95 -0.38
C HIS A 226 -17.58 -6.55 0.17
N LYS A 227 -18.20 -6.53 1.36
CA LYS A 227 -18.73 -5.29 1.93
C LYS A 227 -17.65 -4.24 2.15
N LEU A 228 -16.56 -4.62 2.84
CA LEU A 228 -15.52 -3.65 3.18
C LEU A 228 -14.83 -3.10 1.94
N PHE A 229 -14.45 -3.99 1.01
CA PHE A 229 -13.89 -3.54 -0.26
C PHE A 229 -14.81 -2.56 -0.95
N LEU A 230 -16.11 -2.88 -1.00
CA LEU A 230 -17.07 -2.00 -1.67
C LEU A 230 -17.20 -0.66 -0.94
N GLU A 231 -17.13 -0.69 0.39
CA GLU A 231 -17.19 0.56 1.15
C GLU A 231 -16.00 1.47 0.83
N MET A 232 -14.79 0.88 0.78
CA MET A 232 -13.61 1.67 0.43
C MET A 232 -13.67 2.17 -1.00
N LEU A 233 -14.11 1.31 -1.92
CA LEU A 233 -14.20 1.70 -3.32
C LEU A 233 -15.23 2.81 -3.53
N GLU A 234 -16.37 2.71 -2.84
CA GLU A 234 -17.45 3.68 -3.03
C GLU A 234 -17.18 5.00 -2.33
N ALA A 235 -16.28 5.03 -1.36
CA ALA A 235 -15.82 6.30 -0.81
C ALA A 235 -15.10 7.08 -1.91
N LYS A 236 -13.89 6.64 -2.26
CA LYS A 236 -13.04 7.20 -3.32
C LYS A 236 -13.79 7.83 -4.48
CAJ 27N B . -5.23 -5.72 -7.96
CAF 27N B . -4.69 -5.89 -9.24
CAN 27N B . -3.95 -4.88 -9.84
OAA 27N B . -3.46 -5.07 -11.09
CAG 27N B . -3.72 -3.69 -9.18
CAK 27N B . -4.26 -3.52 -7.90
CAP 27N B . -4.99 -4.54 -7.30
CAR 27N B . -5.47 -4.26 -6.02
CAS 27N B . -6.99 -4.18 -5.84
CLD 27N B . -7.94 -5.69 -6.08
CLE 27N B . -7.28 -3.51 -4.31
CLC 27N B . -7.53 -3.06 -7.04
CAQ 27N B . -4.84 -5.03 -5.02
CAL 27N B . -5.28 -6.26 -4.52
CAH 27N B . -4.56 -6.91 -3.50
CAO 27N B . -3.42 -6.28 -2.99
OAB 27N B . -2.65 -6.83 -2.00
CAI 27N B . -3.01 -5.07 -3.49
CAM 27N B . -3.71 -4.44 -4.49
#